data_1IL1
#
_entry.id   1IL1
#
_cell.length_a   37.200
_cell.length_b   84.300
_cell.length_c   134.000
_cell.angle_alpha   90.00
_cell.angle_beta   90.00
_cell.angle_gamma   90.00
#
_symmetry.space_group_name_H-M   'P 21 21 21'
#
loop_
_entity.id
_entity.type
_entity.pdbx_description
1 polymer 'monoclonal antibody G3-519 (heavy chain)'
2 polymer 'monoclonal antibody G3-519 (light chain)'
3 water water
#
loop_
_entity_poly.entity_id
_entity_poly.type
_entity_poly.pdbx_seq_one_letter_code
_entity_poly.pdbx_strand_id
1 'polypeptide(L)'
;QLQQSGAELVRSGASVKLSCATSDFNIKDYYIHWVRQRPEQGLEWIGWLDPENGDTESAPKFQGKATMTADTSSNTAYLQ
LSSLTSEASAVYYCNAISTTRDYYALDYWGQGTSVTVSSAKTTPPSVYPLAPGSAAQTNSMVTLGCLVKGYFPEPVTVTW
NSGSLSSGVHTFPAVLQSDLYTLSSSVTVPSSTWPSETVTCNVAHPASSTKVDKKIVPR
;
A
2 'polypeptide(L)'
;DIVMSQSPSSLAVSVGEKVTMSCKSSQSLLYSRNQMNYLSWYQQKPGQSPKLLIYWASTRESGVPDRFTGSGSGTDFTLT
ISSVKAEDLAVYYCQQYYHYRTFGGGTRLEIRRADAAPTVSIFPPSSEQLTSGGASVVCFLNNFYPKDINVKWKIDGSER
QNGVLNSWTDQDSKDSTYSMSSTLTLTKDEYERHNSYTCEATHKTSTSPIVKSFNRNEC
;
B
#
# COMPACT_ATOMS: atom_id res chain seq x y z
N GLN A 1 20.53 2.74 -4.07
CA GLN A 1 19.09 3.11 -4.29
C GLN A 1 18.71 2.95 -5.76
N LEU A 2 17.77 2.05 -6.03
CA LEU A 2 17.31 1.76 -7.40
C LEU A 2 16.15 2.62 -7.88
N GLN A 3 16.22 3.02 -9.15
CA GLN A 3 15.17 3.84 -9.76
C GLN A 3 14.44 3.06 -10.84
N GLN A 4 13.12 2.95 -10.71
CA GLN A 4 12.33 2.23 -11.70
C GLN A 4 11.46 3.19 -12.49
N SER A 5 11.08 2.77 -13.69
CA SER A 5 10.24 3.57 -14.55
C SER A 5 8.85 3.79 -13.93
N GLY A 6 8.12 4.77 -14.47
CA GLY A 6 6.81 5.09 -13.94
C GLY A 6 5.65 4.19 -14.34
N ALA A 7 4.56 4.31 -13.61
CA ALA A 7 3.35 3.52 -13.86
C ALA A 7 3.08 3.39 -15.35
N GLU A 8 2.55 2.23 -15.75
CA GLU A 8 2.24 2.00 -17.14
C GLU A 8 0.87 1.36 -17.30
N LEU A 9 0.14 1.84 -18.31
CA LEU A 9 -1.17 1.30 -18.66
C LEU A 9 -0.95 0.66 -20.03
N VAL A 10 -1.12 -0.65 -20.12
CA VAL A 10 -0.91 -1.35 -21.38
C VAL A 10 -2.15 -2.12 -21.80
N ARG A 11 -2.35 -2.20 -23.11
CA ARG A 11 -3.51 -2.90 -23.66
C ARG A 11 -3.33 -4.41 -23.63
N SER A 12 -4.42 -5.12 -23.33
CA SER A 12 -4.39 -6.57 -23.28
C SER A 12 -3.79 -7.12 -24.56
N GLY A 13 -2.80 -8.00 -24.43
CA GLY A 13 -2.17 -8.58 -25.61
C GLY A 13 -0.93 -7.82 -26.05
N ALA A 14 -0.77 -6.61 -25.53
CA ALA A 14 0.40 -5.79 -25.86
C ALA A 14 1.55 -6.27 -25.00
N SER A 15 2.66 -5.54 -25.03
CA SER A 15 3.82 -5.89 -24.23
C SER A 15 4.28 -4.65 -23.50
N VAL A 16 5.14 -4.83 -22.49
CA VAL A 16 5.65 -3.69 -21.74
C VAL A 16 7.14 -3.81 -21.48
N LYS A 17 7.79 -2.66 -21.39
CA LYS A 17 9.22 -2.57 -21.15
C LYS A 17 9.41 -1.87 -19.80
N LEU A 18 10.08 -2.55 -18.86
CA LEU A 18 10.31 -1.98 -17.55
C LEU A 18 11.81 -1.74 -17.34
N SER A 19 12.16 -0.64 -16.68
CA SER A 19 13.56 -0.34 -16.45
C SER A 19 13.89 -0.24 -14.96
N CYS A 20 15.14 -0.49 -14.64
CA CYS A 20 15.63 -0.44 -13.27
C CYS A 20 17.06 0.06 -13.39
N ALA A 21 17.31 1.25 -12.85
CA ALA A 21 18.64 1.85 -12.95
C ALA A 21 19.18 2.34 -11.64
N THR A 22 20.46 2.68 -11.65
CA THR A 22 21.14 3.19 -10.47
C THR A 22 22.39 3.94 -10.89
N SER A 23 22.86 4.82 -10.02
CA SER A 23 24.07 5.59 -10.28
C SER A 23 24.96 5.54 -9.03
N ASP A 24 24.51 4.77 -8.05
CA ASP A 24 25.23 4.63 -6.79
C ASP A 24 26.17 3.42 -6.83
N PHE A 25 26.25 2.76 -7.98
CA PHE A 25 27.14 1.61 -8.16
C PHE A 25 27.00 1.00 -9.55
N ASN A 26 27.97 0.18 -9.92
CA ASN A 26 27.96 -0.47 -11.24
C ASN A 26 27.04 -1.69 -11.16
N ILE A 27 26.03 -1.72 -12.02
CA ILE A 27 25.08 -2.84 -12.02
C ILE A 27 25.75 -4.15 -12.44
N LYS A 28 27.03 -4.06 -12.80
CA LYS A 28 27.76 -5.24 -13.22
C LYS A 28 28.20 -6.09 -12.02
N ASP A 29 28.28 -5.48 -10.84
CA ASP A 29 28.67 -6.19 -9.62
C ASP A 29 27.46 -6.79 -8.91
N TYR A 30 26.38 -7.01 -9.66
CA TYR A 30 25.15 -7.53 -9.06
C TYR A 30 24.36 -8.45 -9.97
N TYR A 31 23.42 -9.16 -9.37
CA TYR A 31 22.50 -10.01 -10.11
C TYR A 31 21.19 -9.25 -9.99
N ILE A 32 20.44 -9.17 -11.08
CA ILE A 32 19.18 -8.44 -11.05
C ILE A 32 18.00 -9.41 -11.07
N HIS A 33 17.13 -9.29 -10.08
CA HIS A 33 15.94 -10.14 -9.99
C HIS A 33 14.70 -9.26 -10.15
N TRP A 34 13.67 -9.81 -10.80
CA TRP A 34 12.41 -9.10 -10.94
C TRP A 34 11.38 -9.90 -10.16
N VAL A 35 10.56 -9.19 -9.40
CA VAL A 35 9.51 -9.80 -8.58
C VAL A 35 8.23 -8.99 -8.73
N ARG A 36 7.09 -9.67 -8.75
CA ARG A 36 5.82 -8.97 -8.89
C ARG A 36 4.83 -9.30 -7.79
N GLN A 37 3.97 -8.33 -7.49
CA GLN A 37 2.95 -8.51 -6.48
C GLN A 37 1.60 -8.05 -7.00
N ARG A 38 0.65 -8.98 -7.09
CA ARG A 38 -0.69 -8.66 -7.54
C ARG A 38 -1.51 -8.11 -6.36
N PRO A 39 -2.54 -7.30 -6.65
CA PRO A 39 -3.39 -6.73 -5.61
C PRO A 39 -3.86 -7.81 -4.64
N GLU A 40 -3.83 -7.48 -3.35
CA GLU A 40 -4.25 -8.41 -2.30
C GLU A 40 -3.65 -9.80 -2.55
N GLN A 41 -2.44 -9.82 -3.11
CA GLN A 41 -1.75 -11.06 -3.40
C GLN A 41 -0.35 -11.07 -2.80
N GLY A 42 0.28 -12.25 -2.83
CA GLY A 42 1.61 -12.36 -2.28
C GLY A 42 2.68 -12.05 -3.31
N LEU A 43 3.92 -12.34 -2.95
CA LEU A 43 5.05 -12.09 -3.85
C LEU A 43 5.22 -13.25 -4.82
N GLU A 44 5.70 -12.92 -6.01
CA GLU A 44 5.89 -13.90 -7.07
C GLU A 44 7.21 -13.64 -7.79
N TRP A 45 8.12 -14.61 -7.75
CA TRP A 45 9.42 -14.44 -8.41
C TRP A 45 9.30 -14.64 -9.92
N ILE A 46 10.02 -13.82 -10.70
CA ILE A 46 9.96 -13.91 -12.15
C ILE A 46 11.24 -14.42 -12.81
N GLY A 47 12.38 -13.94 -12.34
CA GLY A 47 13.64 -14.38 -12.92
C GLY A 47 14.83 -13.51 -12.57
N TRP A 48 16.01 -13.92 -13.03
CA TRP A 48 17.22 -13.16 -12.75
C TRP A 48 18.04 -12.94 -14.01
N LEU A 49 18.87 -11.91 -13.98
CA LEU A 49 19.73 -11.56 -15.10
C LEU A 49 21.10 -11.18 -14.57
N ASP A 50 22.15 -11.70 -15.21
CA ASP A 50 23.52 -11.39 -14.83
C ASP A 50 24.01 -10.39 -15.85
N PRO A 51 23.98 -9.09 -15.50
CA PRO A 51 24.42 -8.04 -16.44
C PRO A 51 25.82 -8.33 -16.98
N GLU A 52 26.66 -8.86 -16.11
CA GLU A 52 28.05 -9.18 -16.43
C GLU A 52 28.26 -9.99 -17.70
N ASN A 53 27.35 -10.92 -18.00
CA ASN A 53 27.50 -11.73 -19.21
C ASN A 53 26.20 -11.96 -19.99
N GLY A 54 25.10 -11.41 -19.51
CA GLY A 54 23.84 -11.56 -20.21
C GLY A 54 23.05 -12.82 -19.87
N ASP A 55 23.61 -13.67 -19.01
CA ASP A 55 22.94 -14.90 -18.61
C ASP A 55 21.64 -14.57 -17.88
N THR A 56 20.58 -15.36 -18.10
CA THR A 56 19.30 -15.12 -17.42
C THR A 56 18.58 -16.41 -17.12
N GLU A 57 17.49 -16.29 -16.36
CA GLU A 57 16.69 -17.45 -16.01
C GLU A 57 15.30 -17.00 -15.59
N SER A 58 14.29 -17.69 -16.07
CA SER A 58 12.92 -17.34 -15.75
C SER A 58 12.18 -18.50 -15.09
N ALA A 59 11.19 -18.18 -14.26
CA ALA A 59 10.41 -19.21 -13.61
C ALA A 59 9.67 -19.94 -14.75
N PRO A 60 9.25 -21.18 -14.50
CA PRO A 60 8.54 -21.92 -15.56
C PRO A 60 7.39 -21.07 -16.09
N LYS A 61 6.64 -20.51 -15.15
CA LYS A 61 5.50 -19.66 -15.43
C LYS A 61 5.75 -18.56 -16.45
N PHE A 62 6.95 -18.00 -16.47
CA PHE A 62 7.26 -16.91 -17.39
C PHE A 62 8.19 -17.28 -18.53
N GLN A 63 8.33 -18.56 -18.81
CA GLN A 63 9.20 -19.01 -19.89
C GLN A 63 8.81 -18.39 -21.22
N GLY A 64 9.81 -17.99 -22.00
CA GLY A 64 9.59 -17.40 -23.31
C GLY A 64 8.53 -16.31 -23.32
N LYS A 65 8.29 -15.69 -22.17
CA LYS A 65 7.29 -14.64 -22.06
C LYS A 65 7.82 -13.44 -21.28
N ALA A 66 9.14 -13.44 -21.03
CA ALA A 66 9.76 -12.35 -20.29
C ALA A 66 11.24 -12.18 -20.61
N THR A 67 11.55 -11.30 -21.55
CA THR A 67 12.93 -11.03 -21.94
C THR A 67 13.59 -10.09 -20.93
N MET A 68 14.81 -10.42 -20.54
CA MET A 68 15.56 -9.60 -19.58
C MET A 68 16.87 -9.18 -20.20
N THR A 69 17.13 -7.89 -20.24
CA THR A 69 18.37 -7.40 -20.83
C THR A 69 18.97 -6.29 -19.99
N ALA A 70 20.21 -5.93 -20.32
CA ALA A 70 20.91 -4.89 -19.57
C ALA A 70 21.75 -3.96 -20.45
N ASP A 71 21.82 -2.71 -20.04
CA ASP A 71 22.61 -1.71 -20.73
C ASP A 71 23.55 -1.14 -19.69
N THR A 72 24.68 -1.82 -19.48
CA THR A 72 25.65 -1.40 -18.48
C THR A 72 26.26 -0.03 -18.77
N SER A 73 26.03 0.48 -19.97
CA SER A 73 26.56 1.79 -20.34
C SER A 73 25.90 2.82 -19.44
N SER A 74 24.56 2.81 -19.42
CA SER A 74 23.80 3.74 -18.60
C SER A 74 23.43 3.05 -17.28
N ASN A 75 24.06 1.92 -17.03
CA ASN A 75 23.82 1.18 -15.80
C ASN A 75 22.33 0.93 -15.59
N THR A 76 21.68 0.36 -16.60
CA THR A 76 20.24 0.11 -16.52
C THR A 76 19.87 -1.34 -16.84
N ALA A 77 18.85 -1.84 -16.14
CA ALA A 77 18.38 -3.21 -16.35
C ALA A 77 16.97 -3.13 -16.91
N TYR A 78 16.64 -4.04 -17.83
CA TYR A 78 15.33 -4.06 -18.45
C TYR A 78 14.63 -5.41 -18.30
N LEU A 79 13.30 -5.37 -18.33
CA LEU A 79 12.49 -6.57 -18.24
C LEU A 79 11.35 -6.34 -19.21
N GLN A 80 11.24 -7.20 -20.22
CA GLN A 80 10.17 -7.09 -21.21
C GLN A 80 9.18 -8.21 -21.00
N LEU A 81 7.91 -7.83 -20.87
CA LEU A 81 6.82 -8.79 -20.68
C LEU A 81 5.95 -8.73 -21.92
N SER A 82 5.81 -9.87 -22.59
CA SER A 82 5.01 -9.91 -23.81
C SER A 82 3.66 -10.59 -23.67
N SER A 83 2.78 -10.31 -24.64
CA SER A 83 1.43 -10.85 -24.67
C SER A 83 0.81 -10.80 -23.28
N LEU A 84 0.72 -9.59 -22.75
CA LEU A 84 0.17 -9.35 -21.42
C LEU A 84 -1.32 -9.60 -21.32
N THR A 85 -1.72 -10.17 -20.19
CA THR A 85 -3.11 -10.46 -19.93
C THR A 85 -3.52 -9.69 -18.68
N SER A 86 -4.82 -9.69 -18.40
CA SER A 86 -5.35 -8.98 -17.24
C SER A 86 -4.70 -9.44 -15.92
N GLU A 87 -4.25 -10.69 -15.88
CA GLU A 87 -3.61 -11.27 -14.70
C GLU A 87 -2.28 -10.62 -14.35
N ALA A 88 -1.58 -10.13 -15.37
CA ALA A 88 -0.28 -9.50 -15.18
C ALA A 88 -0.35 -8.13 -14.51
N SER A 89 -1.55 -7.62 -14.30
CA SER A 89 -1.69 -6.33 -13.63
C SER A 89 -1.14 -6.48 -12.21
N ALA A 90 -0.08 -5.75 -11.90
CA ALA A 90 0.54 -5.83 -10.60
C ALA A 90 1.64 -4.80 -10.41
N VAL A 91 2.34 -4.89 -9.28
CA VAL A 91 3.45 -4.01 -8.96
C VAL A 91 4.75 -4.79 -9.15
N TYR A 92 5.58 -4.35 -10.09
CA TYR A 92 6.84 -5.01 -10.39
C TYR A 92 8.04 -4.37 -9.70
N TYR A 93 8.81 -5.20 -8.99
CA TYR A 93 10.01 -4.75 -8.26
C TYR A 93 11.28 -5.29 -8.87
N CYS A 94 12.37 -4.54 -8.77
CA CYS A 94 13.63 -5.10 -9.24
C CYS A 94 14.43 -5.16 -7.97
N ASN A 95 15.27 -6.18 -7.87
CA ASN A 95 16.08 -6.41 -6.69
C ASN A 95 17.50 -6.72 -7.15
N ALA A 96 18.44 -5.90 -6.71
CA ALA A 96 19.84 -6.08 -7.04
C ALA A 96 20.52 -6.77 -5.86
N ILE A 97 21.06 -7.95 -6.11
CA ILE A 97 21.72 -8.74 -5.09
C ILE A 97 23.22 -8.93 -5.36
N SER A 98 24.00 -9.11 -4.29
CA SER A 98 25.45 -9.33 -4.41
C SER A 98 26.03 -9.89 -3.11
N THR A 99 26.87 -10.91 -3.22
CA THR A 99 27.49 -11.51 -2.03
C THR A 99 29.00 -11.69 -2.20
N THR A 100 29.50 -11.36 -3.39
CA THR A 100 30.93 -11.51 -3.67
C THR A 100 31.74 -10.32 -3.17
N ARG A 101 31.04 -9.29 -2.69
CA ARG A 101 31.71 -8.10 -2.21
C ARG A 101 32.22 -8.16 -0.77
N ASP A 102 31.33 -8.10 0.20
CA ASP A 102 31.73 -8.13 1.59
C ASP A 102 31.23 -9.37 2.30
N TYR A 103 31.57 -9.51 3.59
CA TYR A 103 31.13 -10.68 4.35
C TYR A 103 29.61 -10.68 4.54
N TYR A 104 28.93 -9.72 3.94
CA TYR A 104 27.48 -9.62 4.02
C TYR A 104 26.89 -9.42 2.63
N ALA A 105 25.77 -10.07 2.36
CA ALA A 105 25.10 -9.95 1.08
C ALA A 105 24.49 -8.57 0.91
N LEU A 106 24.73 -7.96 -0.24
CA LEU A 106 24.20 -6.63 -0.54
C LEU A 106 22.83 -6.84 -1.18
N ASP A 107 21.82 -6.20 -0.60
CA ASP A 107 20.45 -6.34 -1.11
C ASP A 107 19.76 -5.00 -1.29
N TYR A 108 19.48 -4.65 -2.54
CA TYR A 108 18.81 -3.40 -2.88
C TYR A 108 17.51 -3.64 -3.64
N TRP A 109 16.52 -2.82 -3.35
CA TRP A 109 15.21 -2.93 -3.98
C TRP A 109 14.73 -1.63 -4.61
N GLY A 110 14.00 -1.75 -5.71
CA GLY A 110 13.46 -0.57 -6.37
C GLY A 110 12.16 -0.23 -5.65
N GLN A 111 11.55 0.90 -5.99
CA GLN A 111 10.32 1.33 -5.35
C GLN A 111 9.09 0.65 -5.94
N GLY A 112 9.24 0.09 -7.12
CA GLY A 112 8.13 -0.60 -7.75
C GLY A 112 7.46 0.17 -8.86
N THR A 113 6.98 -0.57 -9.85
CA THR A 113 6.28 0.02 -10.98
C THR A 113 4.88 -0.60 -11.08
N SER A 114 3.86 0.24 -11.09
CA SER A 114 2.50 -0.25 -11.21
C SER A 114 2.12 -0.42 -12.67
N VAL A 115 1.90 -1.66 -13.07
CA VAL A 115 1.52 -1.97 -14.42
C VAL A 115 0.07 -2.44 -14.40
N THR A 116 -0.77 -1.78 -15.17
CA THR A 116 -2.18 -2.13 -15.26
C THR A 116 -2.46 -2.54 -16.70
N VAL A 117 -3.02 -3.73 -16.87
CA VAL A 117 -3.34 -4.24 -18.20
C VAL A 117 -4.84 -4.09 -18.35
N SER A 118 -5.26 -3.18 -19.23
CA SER A 118 -6.68 -2.93 -19.40
C SER A 118 -7.06 -2.35 -20.75
N SER A 119 -8.35 -2.40 -21.07
CA SER A 119 -8.86 -1.87 -22.33
C SER A 119 -9.37 -0.44 -22.11
N ALA A 120 -9.41 -0.02 -20.85
CA ALA A 120 -9.85 1.31 -20.51
C ALA A 120 -8.77 2.35 -20.80
N LYS A 121 -9.17 3.60 -20.90
CA LYS A 121 -8.25 4.70 -21.19
C LYS A 121 -7.82 5.39 -19.90
N THR A 122 -6.68 6.07 -19.92
CA THR A 122 -6.23 6.79 -18.73
C THR A 122 -7.22 7.92 -18.53
N THR A 123 -7.56 8.20 -17.28
CA THR A 123 -8.52 9.25 -16.95
C THR A 123 -8.00 10.05 -15.75
N PRO A 124 -7.65 11.33 -15.98
CA PRO A 124 -7.15 12.20 -14.92
C PRO A 124 -8.19 12.33 -13.80
N PRO A 125 -7.75 12.58 -12.57
CA PRO A 125 -8.73 12.70 -11.49
C PRO A 125 -9.26 14.13 -11.27
N SER A 126 -10.38 14.21 -10.56
CA SER A 126 -10.96 15.51 -10.22
C SER A 126 -10.59 15.64 -8.75
N VAL A 127 -10.01 16.78 -8.37
CA VAL A 127 -9.61 16.96 -6.98
C VAL A 127 -10.50 17.97 -6.30
N TYR A 128 -11.20 17.53 -5.26
CA TYR A 128 -12.11 18.41 -4.56
C TYR A 128 -11.68 18.66 -3.14
N PRO A 129 -11.67 19.95 -2.73
CA PRO A 129 -11.28 20.34 -1.37
C PRO A 129 -12.41 20.00 -0.43
N LEU A 130 -12.08 19.54 0.77
CA LEU A 130 -13.09 19.19 1.76
C LEU A 130 -12.91 20.07 2.99
N ALA A 131 -13.68 21.15 3.06
CA ALA A 131 -13.62 22.05 4.19
C ALA A 131 -14.66 21.64 5.20
N PRO A 132 -14.39 21.87 6.48
CA PRO A 132 -15.34 21.51 7.54
C PRO A 132 -16.64 22.28 7.38
N GLY A 133 -17.72 21.73 7.91
CA GLY A 133 -19.00 22.42 7.85
C GLY A 133 -18.93 23.50 8.91
N SER A 134 -19.85 24.45 8.85
CA SER A 134 -19.90 25.55 9.81
C SER A 134 -19.46 25.12 11.21
N ALA A 135 -19.98 24.00 11.69
CA ALA A 135 -19.65 23.49 13.03
C ALA A 135 -18.44 22.57 13.06
N ALA A 136 -17.26 23.16 13.26
CA ALA A 136 -16.03 22.39 13.33
C ALA A 136 -14.84 23.22 13.82
N GLN A 137 -15.12 24.39 14.38
CA GLN A 137 -14.07 25.28 14.88
C GLN A 137 -14.11 25.48 16.39
N THR A 138 -15.27 25.33 17.01
CA THR A 138 -15.41 25.50 18.44
C THR A 138 -14.66 24.40 19.19
N ASN A 139 -13.85 23.66 18.45
CA ASN A 139 -13.04 22.57 19.01
C ASN A 139 -11.58 23.02 19.05
N SER A 140 -10.69 22.09 19.35
CA SER A 140 -9.26 22.40 19.39
C SER A 140 -8.56 21.89 18.12
N MET A 141 -8.97 20.72 17.65
CA MET A 141 -8.39 20.14 16.44
C MET A 141 -9.37 20.20 15.28
N VAL A 142 -8.85 20.42 14.08
CA VAL A 142 -9.67 20.51 12.86
C VAL A 142 -9.20 19.51 11.81
N THR A 143 -10.15 18.79 11.19
CA THR A 143 -9.83 17.81 10.16
C THR A 143 -10.28 18.31 8.77
N LEU A 144 -9.39 18.17 7.79
CA LEU A 144 -9.66 18.61 6.43
C LEU A 144 -9.35 17.45 5.50
N GLY A 145 -9.91 17.48 4.30
CA GLY A 145 -9.62 16.41 3.37
C GLY A 145 -9.60 16.85 1.92
N CYS A 146 -9.20 15.91 1.07
CA CYS A 146 -9.18 16.10 -0.37
C CYS A 146 -9.74 14.83 -0.96
N LEU A 147 -10.61 14.98 -1.96
CA LEU A 147 -11.25 13.85 -2.60
C LEU A 147 -10.67 13.77 -4.01
N VAL A 148 -10.08 12.63 -4.33
CA VAL A 148 -9.48 12.39 -5.64
C VAL A 148 -10.40 11.39 -6.31
N LYS A 149 -11.29 11.91 -7.15
CA LYS A 149 -12.30 11.11 -7.81
C LYS A 149 -12.19 10.85 -9.30
N GLY A 150 -12.61 9.64 -9.68
CA GLY A 150 -12.63 9.21 -11.06
C GLY A 150 -11.35 9.19 -11.88
N TYR A 151 -10.34 8.49 -11.41
CA TYR A 151 -9.11 8.41 -12.18
C TYR A 151 -8.80 6.98 -12.59
N PHE A 152 -7.88 6.82 -13.53
CA PHE A 152 -7.46 5.50 -14.00
C PHE A 152 -6.19 5.66 -14.83
N PRO A 153 -5.16 4.82 -14.57
CA PRO A 153 -5.16 3.77 -13.55
C PRO A 153 -4.44 4.26 -12.30
N GLU A 154 -4.08 3.33 -11.43
CA GLU A 154 -3.34 3.64 -10.21
C GLU A 154 -1.91 3.88 -10.65
N PRO A 155 -1.12 4.58 -9.84
CA PRO A 155 -1.55 5.15 -8.56
C PRO A 155 -1.58 6.68 -8.62
N VAL A 156 -1.81 7.30 -7.47
CA VAL A 156 -1.76 8.75 -7.37
C VAL A 156 -0.94 9.02 -6.13
N THR A 157 -0.35 10.20 -6.06
CA THR A 157 0.43 10.56 -4.90
C THR A 157 -0.29 11.77 -4.31
N VAL A 158 -0.38 11.80 -2.99
CA VAL A 158 -1.05 12.89 -2.31
C VAL A 158 -0.15 13.40 -1.20
N THR A 159 0.06 14.71 -1.16
CA THR A 159 0.84 15.30 -0.08
C THR A 159 0.10 16.54 0.38
N TRP A 160 0.51 17.07 1.53
CA TRP A 160 -0.12 18.26 2.08
C TRP A 160 0.97 19.30 2.33
N ASN A 161 0.80 20.47 1.74
CA ASN A 161 1.77 21.54 1.89
C ASN A 161 3.15 21.06 1.47
N SER A 162 3.19 20.31 0.38
CA SER A 162 4.41 19.76 -0.18
C SER A 162 5.22 18.91 0.78
N GLY A 163 4.56 18.27 1.74
CA GLY A 163 5.29 17.44 2.66
C GLY A 163 5.57 18.05 4.02
N SER A 164 5.19 19.32 4.21
CA SER A 164 5.42 19.98 5.50
C SER A 164 4.43 19.52 6.56
N LEU A 165 3.38 18.83 6.13
CA LEU A 165 2.38 18.30 7.05
C LEU A 165 2.33 16.82 6.79
N SER A 166 2.82 16.02 7.73
CA SER A 166 2.82 14.57 7.58
C SER A 166 2.18 13.90 8.79
N SER A 167 2.43 14.43 9.97
CA SER A 167 1.82 13.87 11.16
C SER A 167 0.34 14.26 11.06
N GLY A 168 -0.56 13.36 11.44
CA GLY A 168 -1.97 13.68 11.35
C GLY A 168 -2.58 13.43 9.99
N VAL A 169 -1.74 13.00 9.04
CA VAL A 169 -2.21 12.72 7.69
C VAL A 169 -2.61 11.25 7.54
N HIS A 170 -3.75 11.01 6.87
CA HIS A 170 -4.25 9.67 6.59
C HIS A 170 -4.63 9.61 5.11
N THR A 171 -4.04 8.70 4.36
CA THR A 171 -4.40 8.55 2.96
C THR A 171 -4.98 7.16 2.80
N PHE A 172 -6.26 7.10 2.42
CA PHE A 172 -6.96 5.86 2.27
C PHE A 172 -6.77 5.21 0.91
N PRO A 173 -6.68 3.86 0.89
CA PRO A 173 -6.50 3.07 -0.32
C PRO A 173 -7.64 3.39 -1.26
N ALA A 174 -7.35 3.45 -2.56
CA ALA A 174 -8.37 3.76 -3.57
C ALA A 174 -9.38 2.63 -3.69
N VAL A 175 -10.61 2.98 -4.06
CA VAL A 175 -11.65 1.99 -4.25
C VAL A 175 -12.12 2.09 -5.70
N LEU A 176 -12.36 0.93 -6.29
CA LEU A 176 -12.78 0.84 -7.67
C LEU A 176 -14.30 0.75 -7.79
N GLN A 177 -14.89 1.70 -8.49
CA GLN A 177 -16.33 1.71 -8.69
C GLN A 177 -16.65 2.16 -10.11
N SER A 178 -17.19 1.24 -10.89
CA SER A 178 -17.55 1.52 -12.27
C SER A 178 -16.32 1.80 -13.13
N ASP A 179 -15.28 1.00 -12.91
CA ASP A 179 -14.04 1.11 -13.67
C ASP A 179 -13.21 2.38 -13.52
N LEU A 180 -13.43 3.12 -12.44
CA LEU A 180 -12.67 4.33 -12.14
C LEU A 180 -12.31 4.31 -10.66
N TYR A 181 -11.12 4.81 -10.33
CA TYR A 181 -10.68 4.83 -8.93
C TYR A 181 -11.04 6.12 -8.19
N THR A 182 -11.33 5.96 -6.90
CA THR A 182 -11.64 7.09 -6.04
C THR A 182 -10.85 6.87 -4.76
N LEU A 183 -10.20 7.95 -4.32
CA LEU A 183 -9.37 7.91 -3.13
C LEU A 183 -9.58 9.22 -2.40
N SER A 184 -9.38 9.18 -1.07
CA SER A 184 -9.52 10.38 -0.25
C SER A 184 -8.34 10.45 0.71
N SER A 185 -8.10 11.64 1.24
CA SER A 185 -7.02 11.84 2.20
C SER A 185 -7.47 12.89 3.21
N SER A 186 -7.06 12.73 4.45
CA SER A 186 -7.42 13.68 5.50
C SER A 186 -6.18 14.10 6.27
N VAL A 187 -6.26 15.29 6.86
CA VAL A 187 -5.17 15.83 7.66
C VAL A 187 -5.83 16.57 8.82
N THR A 188 -5.27 16.42 10.01
CA THR A 188 -5.81 17.08 11.20
C THR A 188 -4.75 17.99 11.78
N VAL A 189 -5.05 19.28 11.84
CA VAL A 189 -4.14 20.28 12.39
C VAL A 189 -4.87 21.06 13.47
N PRO A 190 -4.12 21.79 14.32
CA PRO A 190 -4.76 22.57 15.39
C PRO A 190 -5.67 23.67 14.83
N SER A 191 -6.81 23.87 15.47
CA SER A 191 -7.77 24.89 15.03
C SER A 191 -7.14 26.28 15.01
N SER A 192 -5.97 26.41 15.63
CA SER A 192 -5.28 27.68 15.68
C SER A 192 -4.38 27.86 14.46
N THR A 193 -4.11 26.77 13.74
CA THR A 193 -3.27 26.86 12.55
C THR A 193 -4.07 27.10 11.29
N TRP A 194 -5.29 26.55 11.26
CA TRP A 194 -6.18 26.74 10.12
C TRP A 194 -7.48 27.32 10.65
N PRO A 195 -8.13 28.23 9.91
CA PRO A 195 -7.75 28.78 8.59
C PRO A 195 -6.70 29.88 8.59
N SER A 196 -6.18 30.23 9.77
CA SER A 196 -5.18 31.28 9.84
C SER A 196 -4.05 31.06 8.83
N GLU A 197 -3.59 29.81 8.70
CA GLU A 197 -2.52 29.49 7.75
C GLU A 197 -3.11 28.64 6.62
N THR A 198 -2.53 28.75 5.42
CA THR A 198 -3.03 28.00 4.26
C THR A 198 -2.66 26.51 4.22
N VAL A 199 -3.68 25.68 4.03
CA VAL A 199 -3.50 24.23 3.92
C VAL A 199 -3.83 23.83 2.49
N THR A 200 -2.90 23.16 1.84
CA THR A 200 -3.07 22.75 0.45
C THR A 200 -2.77 21.28 0.28
N CYS A 201 -3.57 20.58 -0.50
CA CYS A 201 -3.27 19.17 -0.73
C CYS A 201 -2.80 19.08 -2.18
N ASN A 202 -1.69 18.38 -2.39
CA ASN A 202 -1.12 18.24 -3.73
C ASN A 202 -1.33 16.85 -4.26
N VAL A 203 -1.85 16.78 -5.48
CA VAL A 203 -2.13 15.50 -6.10
C VAL A 203 -1.40 15.36 -7.42
N ALA A 204 -0.87 14.17 -7.65
CA ALA A 204 -0.16 13.87 -8.88
C ALA A 204 -0.64 12.52 -9.38
N HIS A 205 -0.96 12.46 -10.67
CA HIS A 205 -1.40 11.23 -11.28
C HIS A 205 -0.42 10.94 -12.40
N PRO A 206 0.64 10.16 -12.10
CA PRO A 206 1.68 9.79 -13.06
C PRO A 206 1.16 9.39 -14.45
N ALA A 207 0.27 8.40 -14.49
CA ALA A 207 -0.26 7.91 -15.76
C ALA A 207 -0.76 8.97 -16.73
N SER A 208 -1.23 10.10 -16.23
CA SER A 208 -1.75 11.14 -17.12
C SER A 208 -1.00 12.46 -16.98
N SER A 209 0.18 12.41 -16.39
CA SER A 209 0.98 13.61 -16.21
C SER A 209 0.13 14.74 -15.63
N THR A 210 -0.80 14.39 -14.77
CA THR A 210 -1.66 15.41 -14.16
C THR A 210 -1.11 15.91 -12.83
N LYS A 211 -1.09 17.23 -12.70
CA LYS A 211 -0.62 17.86 -11.48
C LYS A 211 -1.69 18.82 -10.98
N VAL A 212 -2.08 18.66 -9.73
CA VAL A 212 -3.11 19.49 -9.13
C VAL A 212 -2.75 19.94 -7.73
N ASP A 213 -3.00 21.21 -7.47
CA ASP A 213 -2.77 21.79 -6.15
C ASP A 213 -4.10 22.45 -5.81
N LYS A 214 -4.73 21.98 -4.74
CA LYS A 214 -6.01 22.54 -4.36
C LYS A 214 -5.98 23.06 -2.93
N LYS A 215 -6.14 24.37 -2.80
CA LYS A 215 -6.12 25.00 -1.49
C LYS A 215 -7.46 24.77 -0.79
N ILE A 216 -7.39 24.43 0.49
CA ILE A 216 -8.60 24.23 1.27
C ILE A 216 -9.05 25.56 1.87
N VAL A 217 -10.16 26.08 1.39
CA VAL A 217 -10.66 27.35 1.91
C VAL A 217 -11.98 27.13 2.63
N PRO A 218 -12.19 27.83 3.76
CA PRO A 218 -13.42 27.72 4.54
C PRO A 218 -14.67 28.04 3.72
N ARG A 219 -15.79 27.45 4.12
CA ARG A 219 -17.06 27.66 3.44
C ARG A 219 -17.63 29.03 3.79
N ASP B 1 9.15 -28.42 -8.77
CA ASP B 1 8.61 -27.17 -8.15
C ASP B 1 8.38 -27.35 -6.67
N ILE B 2 9.02 -26.52 -5.87
CA ILE B 2 8.89 -26.59 -4.43
C ILE B 2 7.78 -25.67 -3.91
N VAL B 3 6.91 -26.23 -3.09
CA VAL B 3 5.82 -25.45 -2.51
C VAL B 3 6.17 -25.04 -1.07
N MET B 4 5.85 -23.80 -0.75
CA MET B 4 6.11 -23.26 0.58
C MET B 4 4.79 -22.91 1.24
N SER B 5 4.67 -23.25 2.53
CA SER B 5 3.46 -22.93 3.27
C SER B 5 3.83 -22.35 4.61
N GLN B 6 3.15 -21.28 5.00
CA GLN B 6 3.43 -20.61 6.27
C GLN B 6 2.23 -20.60 7.22
N SER B 7 2.52 -20.55 8.51
CA SER B 7 1.47 -20.49 9.53
C SER B 7 2.02 -19.69 10.71
N PRO B 8 1.17 -18.88 11.37
CA PRO B 8 -0.24 -18.69 11.04
C PRO B 8 -0.33 -17.81 9.81
N SER B 9 -1.55 -17.65 9.31
CA SER B 9 -1.78 -16.83 8.15
C SER B 9 -1.71 -15.40 8.68
N SER B 10 -1.98 -15.27 9.98
CA SER B 10 -1.95 -13.98 10.65
C SER B 10 -2.13 -14.16 12.15
N LEU B 11 -1.64 -13.19 12.90
CA LEU B 11 -1.76 -13.21 14.35
C LEU B 11 -1.55 -11.79 14.86
N ALA B 12 -1.99 -11.54 16.08
CA ALA B 12 -1.84 -10.24 16.69
C ALA B 12 -1.15 -10.43 18.03
N VAL B 13 -0.21 -9.55 18.33
CA VAL B 13 0.51 -9.61 19.59
C VAL B 13 0.74 -8.17 20.03
N SER B 14 0.92 -7.96 21.34
CA SER B 14 1.15 -6.62 21.84
C SER B 14 2.64 -6.36 21.90
N VAL B 15 3.02 -5.08 21.94
CA VAL B 15 4.44 -4.72 21.98
C VAL B 15 5.18 -5.37 23.14
N GLY B 16 6.39 -5.83 22.88
CA GLY B 16 7.19 -6.46 23.92
C GLY B 16 7.15 -7.97 23.93
N GLU B 17 6.06 -8.56 23.42
CA GLU B 17 5.95 -10.01 23.42
C GLU B 17 6.80 -10.68 22.35
N LYS B 18 7.06 -11.96 22.54
CA LYS B 18 7.85 -12.74 21.61
C LYS B 18 6.90 -13.35 20.59
N VAL B 19 7.39 -13.56 19.38
CA VAL B 19 6.56 -14.12 18.31
C VAL B 19 7.36 -15.14 17.49
N THR B 20 6.67 -16.21 17.08
CA THR B 20 7.30 -17.23 16.25
C THR B 20 6.36 -17.64 15.12
N MET B 21 6.89 -17.65 13.91
CA MET B 21 6.09 -18.04 12.77
C MET B 21 6.91 -19.09 12.02
N SER B 22 6.22 -20.06 11.42
CA SER B 22 6.93 -21.12 10.73
C SER B 22 6.75 -21.14 9.24
N CYS B 23 7.61 -21.90 8.59
CA CYS B 23 7.60 -22.05 7.14
C CYS B 23 7.91 -23.50 6.80
N LYS B 24 7.15 -24.08 5.88
CA LYS B 24 7.35 -25.47 5.48
C LYS B 24 7.49 -25.64 3.97
N SER B 25 8.44 -26.47 3.55
CA SER B 25 8.65 -26.73 2.13
C SER B 25 8.36 -28.20 1.86
N SER B 26 7.74 -28.45 0.71
CA SER B 26 7.37 -29.78 0.26
C SER B 26 8.60 -30.65 -0.03
N GLN B 27 9.77 -30.03 -0.09
CA GLN B 27 11.01 -30.74 -0.38
C GLN B 27 12.12 -30.15 0.47
N SER B 28 13.16 -30.94 0.76
CA SER B 28 14.27 -30.46 1.58
C SER B 28 15.09 -29.38 0.88
N LEU B 29 15.43 -28.33 1.62
CA LEU B 29 16.21 -27.22 1.07
C LEU B 29 17.66 -27.28 1.52
N LEU B 30 18.04 -28.42 2.08
CA LEU B 30 19.41 -28.62 2.55
C LEU B 30 20.20 -29.37 1.47
N TYR B 31 21.16 -28.68 0.86
CA TYR B 31 22.00 -29.25 -0.18
C TYR B 31 23.03 -30.18 0.46
N SER B 32 23.04 -31.44 0.07
CA SER B 32 23.96 -32.43 0.64
C SER B 32 25.43 -32.02 0.61
N ARG B 33 26.03 -31.97 -0.58
CA ARG B 33 27.43 -31.59 -0.67
C ARG B 33 27.56 -30.08 -0.62
N ASN B 34 27.25 -29.54 0.57
CA ASN B 34 27.30 -28.12 0.81
C ASN B 34 26.94 -27.84 2.27
N GLN B 35 25.89 -28.51 2.74
CA GLN B 35 25.41 -28.38 4.11
C GLN B 35 24.73 -27.03 4.36
N MET B 36 24.23 -26.42 3.28
CA MET B 36 23.54 -25.13 3.38
C MET B 36 22.04 -25.30 3.16
N ASN B 37 21.25 -24.52 3.88
CA ASN B 37 19.78 -24.51 3.74
C ASN B 37 19.48 -23.32 2.84
N TYR B 38 18.90 -23.56 1.68
CA TYR B 38 18.61 -22.48 0.75
C TYR B 38 17.28 -21.79 1.05
N LEU B 39 17.19 -21.14 2.20
CA LEU B 39 15.97 -20.46 2.57
C LEU B 39 16.22 -19.04 3.04
N SER B 40 15.25 -18.16 2.80
CA SER B 40 15.37 -16.76 3.21
C SER B 40 14.05 -16.25 3.76
N TRP B 41 14.14 -15.19 4.54
CA TRP B 41 12.97 -14.54 5.14
C TRP B 41 12.95 -13.09 4.71
N TYR B 42 11.79 -12.61 4.30
CA TYR B 42 11.63 -11.22 3.88
C TYR B 42 10.53 -10.58 4.70
N GLN B 43 10.63 -9.27 4.89
CA GLN B 43 9.64 -8.50 5.62
C GLN B 43 9.14 -7.40 4.69
N GLN B 44 7.82 -7.20 4.68
CA GLN B 44 7.24 -6.17 3.84
C GLN B 44 6.24 -5.33 4.61
N LYS B 45 6.66 -4.12 4.93
CA LYS B 45 5.80 -3.19 5.64
C LYS B 45 4.86 -2.64 4.58
N PRO B 46 3.66 -2.19 4.99
CA PRO B 46 2.65 -1.64 4.09
C PRO B 46 3.07 -0.45 3.24
N GLY B 47 2.88 -0.57 1.93
CA GLY B 47 3.25 0.50 1.02
C GLY B 47 4.70 0.47 0.62
N GLN B 48 5.50 -0.33 1.31
CA GLN B 48 6.92 -0.42 1.02
C GLN B 48 7.31 -1.65 0.22
N SER B 49 8.55 -1.65 -0.25
CA SER B 49 9.09 -2.77 -1.01
C SER B 49 9.58 -3.80 0.02
N PRO B 50 9.62 -5.08 -0.36
CA PRO B 50 10.10 -6.07 0.61
C PRO B 50 11.57 -5.85 0.97
N LYS B 51 12.00 -6.43 2.08
CA LYS B 51 13.37 -6.30 2.55
C LYS B 51 13.94 -7.63 3.02
N LEU B 52 15.19 -7.91 2.67
CA LEU B 52 15.82 -9.15 3.09
C LEU B 52 16.23 -9.09 4.55
N LEU B 53 15.78 -10.07 5.33
CA LEU B 53 16.13 -10.11 6.74
C LEU B 53 17.10 -11.25 7.02
N ILE B 54 16.81 -12.41 6.45
CA ILE B 54 17.62 -13.58 6.72
C ILE B 54 17.81 -14.50 5.52
N TYR B 55 19.02 -15.03 5.38
CA TYR B 55 19.34 -15.96 4.30
C TYR B 55 20.17 -17.13 4.85
N TRP B 56 20.25 -18.21 4.08
CA TRP B 56 20.97 -19.41 4.55
C TRP B 56 20.25 -19.89 5.81
N ALA B 57 18.96 -19.59 5.90
CA ALA B 57 18.14 -20.00 7.02
C ALA B 57 18.46 -19.30 8.35
N SER B 58 19.75 -19.05 8.62
CA SER B 58 20.12 -18.43 9.88
C SER B 58 20.99 -17.16 9.85
N THR B 59 21.55 -16.82 8.70
CA THR B 59 22.40 -15.63 8.62
C THR B 59 21.56 -14.36 8.56
N ARG B 60 21.72 -13.51 9.56
CA ARG B 60 21.01 -12.27 9.66
C ARG B 60 21.69 -11.25 8.75
N GLU B 61 20.89 -10.49 8.01
CA GLU B 61 21.43 -9.48 7.11
C GLU B 61 21.93 -8.34 7.97
N SER B 62 23.00 -7.68 7.53
CA SER B 62 23.53 -6.56 8.29
C SER B 62 22.47 -5.48 8.36
N GLY B 63 22.33 -4.84 9.52
CA GLY B 63 21.34 -3.79 9.66
C GLY B 63 19.98 -4.32 10.06
N VAL B 64 19.94 -5.58 10.47
CA VAL B 64 18.71 -6.21 10.91
C VAL B 64 18.82 -6.47 12.41
N PRO B 65 17.97 -5.81 13.22
CA PRO B 65 17.96 -5.95 14.68
C PRO B 65 18.19 -7.38 15.13
N ASP B 66 18.86 -7.56 16.26
CA ASP B 66 19.12 -8.90 16.77
C ASP B 66 17.81 -9.53 17.25
N ARG B 67 16.74 -8.74 17.21
CA ARG B 67 15.42 -9.20 17.65
C ARG B 67 14.91 -10.34 16.75
N PHE B 68 15.37 -10.36 15.50
CA PHE B 68 14.95 -11.38 14.55
C PHE B 68 15.93 -12.55 14.51
N THR B 69 15.40 -13.77 14.64
CA THR B 69 16.22 -14.97 14.63
C THR B 69 15.65 -16.05 13.72
N GLY B 70 16.50 -16.59 12.85
CA GLY B 70 16.07 -17.63 11.94
C GLY B 70 16.65 -18.98 12.33
N SER B 71 15.80 -20.01 12.36
CA SER B 71 16.22 -21.36 12.71
C SER B 71 15.54 -22.37 11.81
N GLY B 72 15.98 -23.63 11.90
CA GLY B 72 15.41 -24.69 11.11
C GLY B 72 16.38 -25.27 10.10
N SER B 73 16.04 -26.44 9.58
CA SER B 73 16.85 -27.12 8.60
C SER B 73 15.97 -28.10 7.84
N GLY B 74 16.34 -28.39 6.59
CA GLY B 74 15.57 -29.34 5.81
C GLY B 74 14.24 -28.82 5.30
N THR B 75 13.15 -29.21 5.94
CA THR B 75 11.81 -28.79 5.50
C THR B 75 11.04 -27.93 6.48
N ASP B 76 11.62 -27.72 7.66
CA ASP B 76 10.94 -26.94 8.69
C ASP B 76 11.77 -25.75 9.12
N PHE B 77 11.16 -24.58 9.09
CA PHE B 77 11.86 -23.36 9.46
C PHE B 77 10.98 -22.44 10.28
N THR B 78 11.62 -21.59 11.08
CA THR B 78 10.91 -20.65 11.92
C THR B 78 11.60 -19.28 11.95
N LEU B 79 10.78 -18.25 12.08
CA LEU B 79 11.30 -16.90 12.21
C LEU B 79 10.82 -16.46 13.57
N THR B 80 11.71 -15.93 14.39
CA THR B 80 11.35 -15.49 15.74
C THR B 80 11.73 -14.04 16.02
N ILE B 81 10.83 -13.31 16.67
CA ILE B 81 11.07 -11.92 17.05
C ILE B 81 10.94 -11.86 18.58
N SER B 82 12.06 -11.65 19.26
CA SER B 82 12.09 -11.63 20.72
C SER B 82 11.11 -10.67 21.38
N SER B 83 11.21 -9.39 21.03
CA SER B 83 10.33 -8.39 21.60
C SER B 83 9.81 -7.53 20.46
N VAL B 84 8.55 -7.77 20.11
CA VAL B 84 7.90 -7.05 19.03
C VAL B 84 7.79 -5.55 19.26
N LYS B 85 8.12 -4.78 18.24
CA LYS B 85 8.02 -3.33 18.30
C LYS B 85 6.84 -2.99 17.38
N ALA B 86 6.18 -1.87 17.61
CA ALA B 86 5.03 -1.48 16.79
C ALA B 86 5.45 -1.31 15.33
N GLU B 87 6.74 -1.09 15.11
CA GLU B 87 7.28 -0.91 13.77
C GLU B 87 7.45 -2.24 13.05
N ASP B 88 7.29 -3.35 13.78
CA ASP B 88 7.46 -4.66 13.17
C ASP B 88 6.24 -5.07 12.34
N LEU B 89 5.17 -4.28 12.46
CA LEU B 89 3.95 -4.51 11.70
C LEU B 89 4.32 -4.68 10.21
N ALA B 90 3.85 -5.77 9.62
CA ALA B 90 4.16 -6.08 8.23
C ALA B 90 3.79 -7.51 7.91
N VAL B 91 4.08 -7.92 6.69
CA VAL B 91 3.82 -9.28 6.26
C VAL B 91 5.19 -9.94 6.11
N TYR B 92 5.34 -11.14 6.66
CA TYR B 92 6.60 -11.87 6.57
C TYR B 92 6.49 -13.04 5.61
N TYR B 93 7.52 -13.22 4.78
CA TYR B 93 7.53 -14.29 3.81
C TYR B 93 8.81 -15.09 3.89
N CYS B 94 8.74 -16.36 3.50
CA CYS B 94 9.94 -17.16 3.44
C CYS B 94 10.02 -17.49 1.99
N GLN B 95 11.23 -17.60 1.48
CA GLN B 95 11.44 -17.92 0.09
C GLN B 95 12.49 -19.00 0.00
N GLN B 96 12.28 -19.96 -0.90
CA GLN B 96 13.26 -21.00 -1.12
C GLN B 96 13.97 -20.62 -2.42
N TYR B 97 15.29 -20.76 -2.45
CA TYR B 97 16.03 -20.46 -3.66
C TYR B 97 16.90 -21.67 -4.01
N TYR B 98 16.34 -22.84 -3.76
CA TYR B 98 16.99 -24.13 -4.02
C TYR B 98 16.83 -24.49 -5.49
N HIS B 99 15.56 -24.48 -5.92
CA HIS B 99 15.16 -24.80 -7.29
C HIS B 99 14.29 -23.62 -7.73
N TYR B 100 14.88 -22.71 -8.52
CA TYR B 100 14.18 -21.49 -8.95
C TYR B 100 13.96 -20.76 -7.63
N ARG B 101 12.91 -19.94 -7.57
CA ARG B 101 12.61 -19.23 -6.33
C ARG B 101 11.11 -19.17 -6.14
N THR B 102 10.64 -19.54 -4.96
CA THR B 102 9.21 -19.50 -4.67
C THR B 102 8.98 -18.92 -3.28
N PHE B 103 7.94 -18.11 -3.14
CA PHE B 103 7.60 -17.49 -1.86
C PHE B 103 6.44 -18.21 -1.20
N GLY B 104 6.44 -18.22 0.14
CA GLY B 104 5.35 -18.83 0.87
C GLY B 104 4.20 -17.84 0.83
N GLY B 105 3.05 -18.23 1.39
CA GLY B 105 1.90 -17.35 1.37
C GLY B 105 2.00 -16.15 2.28
N GLY B 106 3.03 -16.12 3.13
CA GLY B 106 3.23 -15.01 4.04
C GLY B 106 2.43 -15.09 5.32
N THR B 107 2.93 -14.41 6.36
CA THR B 107 2.30 -14.34 7.66
C THR B 107 2.11 -12.86 7.99
N ARG B 108 0.86 -12.46 8.24
CA ARG B 108 0.56 -11.07 8.56
C ARG B 108 0.63 -10.84 10.06
N LEU B 109 1.47 -9.90 10.47
CA LEU B 109 1.63 -9.56 11.88
C LEU B 109 0.92 -8.25 12.21
N GLU B 110 -0.06 -8.33 13.12
CA GLU B 110 -0.81 -7.16 13.55
C GLU B 110 -0.39 -6.87 14.98
N ILE B 111 -0.64 -5.64 15.43
CA ILE B 111 -0.27 -5.23 16.78
C ILE B 111 -1.52 -5.04 17.64
N ARG B 112 -1.53 -5.66 18.81
CA ARG B 112 -2.67 -5.52 19.73
C ARG B 112 -2.36 -4.32 20.62
N ARG B 113 -3.35 -3.45 20.81
CA ARG B 113 -3.16 -2.27 21.64
C ARG B 113 -4.45 -2.00 22.40
N ALA B 114 -4.44 -0.97 23.25
CA ALA B 114 -5.61 -0.60 24.02
C ALA B 114 -6.70 -0.09 23.09
N ASP B 115 -7.96 -0.35 23.44
CA ASP B 115 -9.07 0.11 22.61
C ASP B 115 -9.07 1.63 22.45
N ALA B 116 -9.49 2.10 21.29
CA ALA B 116 -9.53 3.54 21.04
C ALA B 116 -10.75 3.94 20.20
N ALA B 117 -11.51 4.88 20.73
CA ALA B 117 -12.69 5.36 20.04
C ALA B 117 -12.27 6.21 18.85
N PRO B 118 -13.06 6.19 17.77
CA PRO B 118 -12.73 6.99 16.58
C PRO B 118 -13.18 8.44 16.66
N THR B 119 -12.41 9.29 15.99
CA THR B 119 -12.72 10.71 15.90
C THR B 119 -13.45 10.81 14.56
N VAL B 120 -14.71 11.21 14.61
CA VAL B 120 -15.53 11.27 13.41
C VAL B 120 -15.73 12.66 12.83
N SER B 121 -15.61 12.78 11.50
CA SER B 121 -15.79 14.06 10.81
C SER B 121 -16.67 13.88 9.58
N ILE B 122 -17.61 14.79 9.37
CA ILE B 122 -18.48 14.70 8.20
C ILE B 122 -18.26 15.94 7.31
N PHE B 123 -18.27 15.75 5.99
CA PHE B 123 -18.04 16.85 5.05
C PHE B 123 -19.08 17.01 3.93
N PRO B 124 -19.69 18.19 3.82
CA PRO B 124 -20.69 18.38 2.75
C PRO B 124 -19.95 18.38 1.41
N PRO B 125 -20.68 18.27 0.29
CA PRO B 125 -20.06 18.26 -1.03
C PRO B 125 -19.33 19.59 -1.30
N SER B 126 -18.34 19.55 -2.17
CA SER B 126 -17.58 20.75 -2.52
C SER B 126 -18.42 21.63 -3.45
N SER B 127 -18.28 22.95 -3.32
CA SER B 127 -19.04 23.84 -4.19
C SER B 127 -18.60 23.56 -5.63
N GLU B 128 -17.34 23.16 -5.80
CA GLU B 128 -16.79 22.85 -7.12
C GLU B 128 -17.39 21.57 -7.71
N GLN B 129 -17.59 20.54 -6.90
CA GLN B 129 -18.16 19.30 -7.41
C GLN B 129 -19.63 19.50 -7.81
N LEU B 130 -20.35 20.31 -7.04
CA LEU B 130 -21.75 20.57 -7.34
C LEU B 130 -21.89 21.32 -8.66
N THR B 131 -20.92 22.19 -8.94
CA THR B 131 -20.95 22.95 -10.18
C THR B 131 -20.75 22.02 -11.37
N SER B 132 -20.45 20.77 -11.08
CA SER B 132 -20.24 19.78 -12.14
C SER B 132 -21.33 18.72 -12.12
N GLY B 133 -22.36 18.93 -11.31
CA GLY B 133 -23.47 17.99 -11.26
C GLY B 133 -23.31 16.79 -10.35
N GLY B 134 -22.19 16.72 -9.64
CA GLY B 134 -21.97 15.62 -8.73
C GLY B 134 -22.08 16.06 -7.29
N ALA B 135 -22.25 15.11 -6.38
CA ALA B 135 -22.36 15.45 -4.98
C ALA B 135 -21.92 14.27 -4.13
N SER B 136 -20.73 14.36 -3.56
CA SER B 136 -20.21 13.30 -2.70
C SER B 136 -20.13 13.77 -1.27
N VAL B 137 -20.69 12.99 -0.36
CA VAL B 137 -20.67 13.32 1.06
C VAL B 137 -19.62 12.41 1.70
N VAL B 138 -18.71 12.99 2.47
CA VAL B 138 -17.64 12.20 3.07
C VAL B 138 -17.64 12.18 4.59
N CYS B 139 -17.24 11.04 5.13
CA CYS B 139 -17.14 10.89 6.56
C CYS B 139 -15.86 10.16 6.89
N PHE B 140 -15.03 10.77 7.75
CA PHE B 140 -13.78 10.16 8.19
C PHE B 140 -13.95 9.64 9.62
N LEU B 141 -13.37 8.49 9.91
CA LEU B 141 -13.42 7.89 11.23
C LEU B 141 -11.97 7.51 11.49
N ASN B 142 -11.26 8.41 12.16
CA ASN B 142 -9.84 8.26 12.43
C ASN B 142 -9.37 7.79 13.80
N ASN B 143 -8.18 7.21 13.79
CA ASN B 143 -7.48 6.74 14.97
C ASN B 143 -8.33 5.87 15.92
N PHE B 144 -8.78 4.72 15.46
CA PHE B 144 -9.55 3.82 16.32
C PHE B 144 -9.00 2.41 16.38
N TYR B 145 -9.38 1.69 17.44
CA TYR B 145 -8.95 0.30 17.65
C TYR B 145 -9.95 -0.39 18.59
N PRO B 146 -10.35 -1.64 18.29
CA PRO B 146 -10.00 -2.51 17.16
C PRO B 146 -10.53 -2.06 15.80
N LYS B 147 -10.12 -2.77 14.75
CA LYS B 147 -10.52 -2.46 13.39
C LYS B 147 -12.03 -2.58 13.14
N ASP B 148 -12.66 -3.52 13.85
CA ASP B 148 -14.11 -3.74 13.70
C ASP B 148 -14.90 -2.48 13.98
N ILE B 149 -15.69 -2.05 13.00
CA ILE B 149 -16.50 -0.85 13.15
C ILE B 149 -17.67 -0.91 12.18
N ASN B 150 -18.80 -0.34 12.58
CA ASN B 150 -19.97 -0.35 11.72
C ASN B 150 -20.37 1.09 11.41
N VAL B 151 -20.51 1.38 10.12
CA VAL B 151 -20.88 2.72 9.70
C VAL B 151 -22.14 2.62 8.85
N LYS B 152 -23.07 3.52 9.11
CA LYS B 152 -24.32 3.57 8.35
C LYS B 152 -24.63 5.02 8.03
N TRP B 153 -25.21 5.27 6.87
CA TRP B 153 -25.57 6.62 6.50
C TRP B 153 -27.06 6.82 6.64
N LYS B 154 -27.45 8.04 6.97
CA LYS B 154 -28.86 8.37 7.11
C LYS B 154 -29.13 9.71 6.44
N ILE B 155 -30.24 9.76 5.70
CA ILE B 155 -30.63 10.98 5.01
C ILE B 155 -32.07 11.26 5.40
N ASP B 156 -32.26 12.36 6.13
CA ASP B 156 -33.60 12.72 6.59
C ASP B 156 -34.23 11.57 7.37
N GLY B 157 -33.40 10.82 8.11
CA GLY B 157 -33.88 9.71 8.89
C GLY B 157 -33.84 8.35 8.21
N SER B 158 -33.82 8.35 6.88
CA SER B 158 -33.80 7.10 6.13
C SER B 158 -32.37 6.64 5.86
N GLU B 159 -32.10 5.38 6.19
CA GLU B 159 -30.77 4.83 5.99
C GLU B 159 -30.52 4.51 4.52
N ARG B 160 -29.27 4.67 4.08
CA ARG B 160 -28.88 4.38 2.72
C ARG B 160 -27.76 3.35 2.75
N GLN B 161 -27.97 2.22 2.08
CA GLN B 161 -26.99 1.16 2.05
C GLN B 161 -26.55 0.86 0.63
N ASN B 162 -26.81 1.81 -0.26
CA ASN B 162 -26.43 1.67 -1.66
C ASN B 162 -25.69 2.91 -2.11
N GLY B 163 -24.57 2.71 -2.81
CA GLY B 163 -23.79 3.83 -3.30
C GLY B 163 -22.79 4.37 -2.29
N VAL B 164 -22.39 3.51 -1.35
CA VAL B 164 -21.44 3.89 -0.30
C VAL B 164 -20.09 3.19 -0.51
N LEU B 165 -19.02 3.97 -0.55
CA LEU B 165 -17.67 3.43 -0.71
C LEU B 165 -16.91 3.53 0.62
N ASN B 166 -16.36 2.41 1.08
CA ASN B 166 -15.60 2.40 2.33
C ASN B 166 -14.17 1.94 2.11
N SER B 167 -13.25 2.53 2.84
CA SER B 167 -11.85 2.15 2.70
C SER B 167 -11.17 2.24 4.05
N TRP B 168 -10.37 1.23 4.36
CA TRP B 168 -9.64 1.15 5.61
C TRP B 168 -8.16 1.32 5.31
N THR B 169 -7.46 2.03 6.18
CA THR B 169 -6.02 2.19 5.98
C THR B 169 -5.39 0.98 6.67
N ASP B 170 -4.12 0.75 6.42
CA ASP B 170 -3.42 -0.35 7.09
C ASP B 170 -3.17 0.16 8.50
N GLN B 171 -2.91 -0.76 9.44
CA GLN B 171 -2.64 -0.37 10.82
C GLN B 171 -1.47 0.63 10.84
N ASP B 172 -1.59 1.68 11.65
CA ASP B 172 -0.55 2.73 11.75
C ASP B 172 0.71 2.26 12.49
N SER B 173 1.86 2.45 11.85
CA SER B 173 3.14 2.04 12.42
C SER B 173 3.46 2.71 13.75
N LYS B 174 2.92 3.91 13.98
CA LYS B 174 3.19 4.63 15.22
C LYS B 174 2.27 4.25 16.39
N ASP B 175 0.99 4.62 16.28
CA ASP B 175 0.04 4.35 17.35
C ASP B 175 -0.73 3.03 17.24
N SER B 176 -0.54 2.31 16.14
CA SER B 176 -1.19 1.02 15.91
C SER B 176 -2.71 1.07 15.76
N THR B 177 -3.23 2.22 15.38
CA THR B 177 -4.67 2.37 15.21
C THR B 177 -5.05 2.25 13.73
N TYR B 178 -6.36 2.19 13.47
CA TYR B 178 -6.88 2.10 12.13
C TYR B 178 -7.68 3.37 11.85
N SER B 179 -7.83 3.71 10.57
CA SER B 179 -8.63 4.87 10.17
C SER B 179 -9.45 4.38 9.01
N MET B 180 -10.57 5.06 8.75
CA MET B 180 -11.43 4.66 7.63
C MET B 180 -12.17 5.84 7.02
N SER B 181 -12.43 5.73 5.73
CA SER B 181 -13.12 6.74 4.97
C SER B 181 -14.40 6.12 4.43
N SER B 182 -15.47 6.89 4.42
CA SER B 182 -16.74 6.41 3.90
C SER B 182 -17.33 7.52 3.06
N THR B 183 -17.50 7.24 1.78
CA THR B 183 -18.03 8.20 0.83
C THR B 183 -19.38 7.79 0.26
N LEU B 184 -20.33 8.73 0.31
CA LEU B 184 -21.66 8.50 -0.21
C LEU B 184 -21.82 9.43 -1.41
N THR B 185 -21.92 8.86 -2.60
CA THR B 185 -22.06 9.66 -3.81
C THR B 185 -23.49 9.70 -4.31
N LEU B 186 -23.95 10.91 -4.65
CA LEU B 186 -25.30 11.13 -5.13
C LEU B 186 -25.24 12.08 -6.32
N THR B 187 -26.39 12.32 -6.93
CA THR B 187 -26.47 13.25 -8.04
C THR B 187 -26.80 14.57 -7.35
N LYS B 188 -26.44 15.69 -7.96
CA LYS B 188 -26.72 16.99 -7.36
C LYS B 188 -28.22 17.09 -7.06
N ASP B 189 -29.05 16.64 -7.98
CA ASP B 189 -30.50 16.69 -7.79
C ASP B 189 -30.95 15.94 -6.55
N GLU B 190 -30.54 14.69 -6.43
CA GLU B 190 -30.95 13.92 -5.26
C GLU B 190 -30.43 14.60 -3.99
N TYR B 191 -29.24 15.19 -4.08
CA TYR B 191 -28.65 15.88 -2.95
C TYR B 191 -29.47 17.10 -2.54
N GLU B 192 -29.90 17.89 -3.52
CA GLU B 192 -30.68 19.10 -3.29
C GLU B 192 -32.10 18.78 -2.85
N ARG B 193 -32.47 17.51 -2.95
CA ARG B 193 -33.79 17.04 -2.60
C ARG B 193 -33.97 16.82 -1.09
N HIS B 194 -32.87 16.62 -0.37
CA HIS B 194 -32.94 16.39 1.07
C HIS B 194 -32.23 17.43 1.92
N ASN B 195 -32.49 17.40 3.23
CA ASN B 195 -31.89 18.38 4.14
C ASN B 195 -30.87 17.83 5.15
N SER B 196 -31.22 16.77 5.85
CA SER B 196 -30.33 16.20 6.85
C SER B 196 -29.50 15.02 6.36
N TYR B 197 -28.19 15.05 6.65
CA TYR B 197 -27.26 13.98 6.28
C TYR B 197 -26.49 13.51 7.50
N THR B 198 -26.52 12.21 7.75
CA THR B 198 -25.85 11.68 8.93
C THR B 198 -24.91 10.48 8.71
N CYS B 199 -23.78 10.53 9.41
CA CYS B 199 -22.76 9.50 9.42
C CYS B 199 -22.83 8.90 10.83
N GLU B 200 -23.30 7.66 10.92
CA GLU B 200 -23.45 7.02 12.22
C GLU B 200 -22.53 5.81 12.36
N ALA B 201 -21.75 5.77 13.43
CA ALA B 201 -20.81 4.67 13.66
C ALA B 201 -20.99 3.91 14.98
N THR B 202 -20.82 2.59 14.91
CA THR B 202 -20.91 1.71 16.08
C THR B 202 -19.56 1.03 16.27
N HIS B 203 -18.98 1.17 17.45
CA HIS B 203 -17.68 0.59 17.79
C HIS B 203 -17.80 0.01 19.21
N LYS B 204 -17.11 -1.09 19.48
CA LYS B 204 -17.19 -1.71 20.80
C LYS B 204 -16.74 -0.76 21.90
N THR B 205 -16.08 0.32 21.50
CA THR B 205 -15.56 1.32 22.43
C THR B 205 -16.65 2.19 23.08
N SER B 206 -17.87 2.09 22.56
CA SER B 206 -18.98 2.88 23.08
C SER B 206 -20.27 2.07 23.08
N THR B 207 -21.13 2.28 24.07
CA THR B 207 -22.39 1.56 24.14
C THR B 207 -23.44 2.42 23.44
N SER B 208 -22.97 3.53 22.85
CA SER B 208 -23.84 4.45 22.14
C SER B 208 -23.21 4.81 20.81
N PRO B 209 -24.00 4.89 19.74
CA PRO B 209 -23.54 5.22 18.39
C PRO B 209 -22.94 6.62 18.30
N ILE B 210 -21.76 6.75 17.70
CA ILE B 210 -21.16 8.07 17.55
C ILE B 210 -21.81 8.66 16.30
N VAL B 211 -22.46 9.81 16.46
CA VAL B 211 -23.14 10.44 15.35
C VAL B 211 -22.63 11.82 14.97
N LYS B 212 -22.60 12.09 13.67
CA LYS B 212 -22.16 13.38 13.12
C LYS B 212 -23.09 13.66 11.95
N SER B 213 -23.55 14.89 11.82
CA SER B 213 -24.45 15.26 10.74
C SER B 213 -24.46 16.75 10.43
N PHE B 214 -25.14 17.10 9.34
CA PHE B 214 -25.26 18.50 8.95
C PHE B 214 -26.52 18.67 8.13
N ASN B 215 -26.99 19.91 8.03
CA ASN B 215 -28.18 20.21 7.25
C ASN B 215 -27.75 21.07 6.07
N ARG B 216 -28.10 20.63 4.87
CA ARG B 216 -27.73 21.34 3.66
C ARG B 216 -28.08 22.83 3.76
N ASN B 217 -29.19 23.14 4.42
CA ASN B 217 -29.64 24.52 4.57
C ASN B 217 -28.53 25.50 4.97
N GLU B 218 -27.89 25.24 6.11
CA GLU B 218 -26.82 26.12 6.58
C GLU B 218 -25.75 26.35 5.50
N CYS B 219 -24.83 27.28 5.76
CA CYS B 219 -23.77 27.59 4.80
C CYS B 219 -22.42 27.03 5.25
#